data_4CJS
#
_entry.id   4CJS
#
_cell.length_a   70.907
_cell.length_b   70.907
_cell.length_c   67.194
_cell.angle_alpha   90.00
_cell.angle_beta   90.00
_cell.angle_gamma   120.00
#
_symmetry.space_group_name_H-M   'P 31'
#
loop_
_entity.id
_entity.type
_entity.pdbx_description
1 polymer INTEGRASE
2 non-polymer 'SULFATE ION'
3 non-polymer 'ACETATE ION'
4 non-polymer 'CHLORIDE ION'
5 non-polymer '6-[[[2-(cyclohexylmethylcarbamoyl)phenyl]methyl-methyl-amino]methyl]-2,3-dihydro-1,4-benzodioxine-5-carboxylic acid'
6 water water
#
_entity_poly.entity_id   1
_entity_poly.type   'polypeptide(L)'
_entity_poly.pdbx_seq_one_letter_code
;MGSSHHHHHHSSGLVPRGSHMHGQVDSSPGIWQLDCTHLEGKVILVAVHVASGYIEAEVIPAETGQETAYFLLKLAGRWP
VKTVHTDNGSNFTSTTVKAACWWAGIKQEDGIPYNPQSQGVIESMNKELKKIIGQVRDQAEHLKTAVQMAVFIHNHKRKG
GIGGYSAGERIVDIIATDIQTKE
;
_entity_poly.pdbx_strand_id   A,B
#
loop_
_chem_comp.id
_chem_comp.type
_chem_comp.name
_chem_comp.formula
ACT non-polymer 'ACETATE ION' 'C2 H3 O2 -1'
CL non-polymer 'CHLORIDE ION' 'Cl -1'
L0Y non-polymer '6-[[[2-(cyclohexylmethylcarbamoyl)phenyl]methyl-methyl-amino]methyl]-2,3-dihydro-1,4-benzodioxine-5-carboxylic acid' 'C26 H32 N2 O5'
SO4 non-polymer 'SULFATE ION' 'O4 S -2'
#
# COMPACT_ATOMS: atom_id res chain seq x y z
N SER A 28 -3.58 -17.84 -9.66
CA SER A 28 -2.74 -16.76 -10.32
C SER A 28 -3.12 -15.31 -10.02
N PRO A 29 -4.42 -14.98 -9.91
CA PRO A 29 -4.70 -13.61 -9.43
C PRO A 29 -4.15 -13.31 -8.03
N GLY A 30 -4.01 -14.34 -7.20
CA GLY A 30 -3.56 -14.17 -5.81
C GLY A 30 -2.11 -14.48 -5.50
N ILE A 31 -1.29 -14.68 -6.54
N ILE A 31 -1.29 -14.67 -6.53
CA ILE A 31 0.11 -15.12 -6.34
CA ILE A 31 0.09 -15.10 -6.35
C ILE A 31 1.09 -13.94 -6.39
C ILE A 31 1.09 -13.94 -6.39
N TRP A 32 1.86 -13.82 -5.32
CA TRP A 32 2.88 -12.77 -5.21
C TRP A 32 4.26 -13.38 -4.92
N GLN A 33 5.30 -12.64 -5.27
CA GLN A 33 6.69 -13.05 -5.05
CA GLN A 33 6.69 -13.05 -5.05
C GLN A 33 7.44 -11.96 -4.31
N LEU A 34 8.13 -12.34 -3.24
CA LEU A 34 8.96 -11.40 -2.49
C LEU A 34 10.32 -11.31 -3.14
N ASP A 35 10.95 -10.15 -2.98
CA ASP A 35 12.24 -9.87 -3.61
C ASP A 35 12.96 -8.84 -2.74
N CYS A 36 14.25 -9.07 -2.52
CA CYS A 36 15.06 -8.21 -1.68
C CYS A 36 16.26 -7.76 -2.49
N THR A 37 16.46 -6.45 -2.59
CA THR A 37 17.64 -5.90 -3.26
C THR A 37 18.27 -4.81 -2.38
N HIS A 38 19.50 -4.42 -2.70
CA HIS A 38 20.28 -3.52 -1.86
C HIS A 38 20.72 -2.25 -2.58
N LEU A 39 20.67 -1.14 -1.87
CA LEU A 39 21.13 0.16 -2.38
C LEU A 39 21.46 1.09 -1.21
N GLU A 40 22.57 1.82 -1.34
CA GLU A 40 22.98 2.82 -0.34
C GLU A 40 23.12 2.26 1.07
N GLY A 41 23.56 1.00 1.17
CA GLY A 41 23.74 0.33 2.45
C GLY A 41 22.44 -0.03 3.14
N LYS A 42 21.34 0.01 2.37
CA LYS A 42 20.02 -0.29 2.89
C LYS A 42 19.39 -1.39 2.05
N VAL A 43 18.26 -1.90 2.52
CA VAL A 43 17.54 -2.97 1.87
C VAL A 43 16.23 -2.40 1.30
N ILE A 44 15.95 -2.78 0.05
CA ILE A 44 14.67 -2.49 -0.57
C ILE A 44 13.92 -3.81 -0.66
N LEU A 45 12.81 -3.90 0.07
CA LEU A 45 11.97 -5.09 0.04
C LEU A 45 10.82 -4.86 -0.94
N VAL A 46 10.65 -5.79 -1.88
CA VAL A 46 9.68 -5.69 -2.97
C VAL A 46 8.76 -6.90 -2.96
N ALA A 47 7.45 -6.66 -3.17
CA ALA A 47 6.50 -7.71 -3.50
C ALA A 47 6.01 -7.49 -4.92
N VAL A 48 6.10 -8.53 -5.74
N VAL A 48 6.13 -8.53 -5.76
CA VAL A 48 5.66 -8.47 -7.13
CA VAL A 48 5.65 -8.43 -7.14
C VAL A 48 4.44 -9.36 -7.33
C VAL A 48 4.45 -9.36 -7.36
N HIS A 49 3.40 -8.79 -7.94
CA HIS A 49 2.23 -9.56 -8.35
C HIS A 49 2.63 -10.24 -9.67
N VAL A 50 2.81 -11.55 -9.62
N VAL A 50 2.83 -11.55 -9.62
CA VAL A 50 3.48 -12.29 -10.69
CA VAL A 50 3.51 -12.28 -10.70
C VAL A 50 2.79 -12.13 -12.05
C VAL A 50 2.80 -12.15 -12.06
N ALA A 51 1.47 -12.23 -12.08
CA ALA A 51 0.70 -12.17 -13.33
C ALA A 51 0.69 -10.81 -14.03
N SER A 52 0.84 -9.72 -13.26
CA SER A 52 0.80 -8.35 -13.82
C SER A 52 2.13 -7.60 -13.85
N GLY A 53 3.05 -7.97 -12.97
CA GLY A 53 4.29 -7.22 -12.77
C GLY A 53 4.13 -5.99 -11.88
N TYR A 54 2.95 -5.81 -11.29
CA TYR A 54 2.72 -4.71 -10.34
C TYR A 54 3.55 -4.95 -9.07
N ILE A 55 4.08 -3.86 -8.50
CA ILE A 55 4.92 -3.96 -7.30
C ILE A 55 4.50 -3.04 -6.15
N GLU A 56 4.86 -3.47 -4.95
CA GLU A 56 4.85 -2.64 -3.74
C GLU A 56 6.26 -2.76 -3.18
N ALA A 57 6.75 -1.71 -2.53
CA ALA A 57 8.11 -1.76 -1.99
C ALA A 57 8.28 -0.85 -0.80
N GLU A 58 9.29 -1.16 0.02
CA GLU A 58 9.65 -0.34 1.17
CA GLU A 58 9.63 -0.35 1.18
C GLU A 58 11.15 -0.42 1.41
N VAL A 59 11.67 0.58 2.11
CA VAL A 59 13.09 0.61 2.48
C VAL A 59 13.20 0.28 3.98
N ILE A 60 14.10 -0.65 4.31
CA ILE A 60 14.40 -1.00 5.70
C ILE A 60 15.91 -1.10 5.91
N PRO A 61 16.39 -0.96 7.16
CA PRO A 61 17.85 -0.98 7.35
C PRO A 61 18.47 -2.35 7.04
N ALA A 62 17.71 -3.40 7.31
CA ALA A 62 18.16 -4.76 7.05
C ALA A 62 16.94 -5.68 6.97
N GLU A 63 17.06 -6.77 6.23
N GLU A 63 17.05 -6.77 6.22
CA GLU A 63 15.94 -7.71 6.11
CA GLU A 63 15.95 -7.70 6.12
C GLU A 63 15.87 -8.67 7.29
C GLU A 63 15.94 -8.57 7.37
N THR A 64 14.84 -8.50 8.11
CA THR A 64 14.60 -9.37 9.26
C THR A 64 13.26 -10.06 9.03
N GLY A 65 13.04 -11.15 9.76
CA GLY A 65 11.73 -11.82 9.74
C GLY A 65 10.61 -10.90 10.18
N GLN A 66 10.83 -10.14 11.25
CA GLN A 66 9.82 -9.20 11.73
C GLN A 66 9.43 -8.16 10.69
N GLU A 67 10.40 -7.52 10.07
CA GLU A 67 10.12 -6.51 9.04
C GLU A 67 9.43 -7.15 7.83
N THR A 68 9.85 -8.35 7.45
CA THR A 68 9.20 -9.05 6.33
C THR A 68 7.74 -9.37 6.66
N ALA A 69 7.51 -9.82 7.89
CA ALA A 69 6.17 -10.12 8.39
C ALA A 69 5.25 -8.89 8.33
N TYR A 70 5.77 -7.76 8.81
CA TYR A 70 5.00 -6.51 8.78
C TYR A 70 4.68 -6.08 7.35
N PHE A 71 5.66 -6.21 6.47
CA PHE A 71 5.47 -5.89 5.04
C PHE A 71 4.34 -6.74 4.42
N LEU A 72 4.31 -8.03 4.75
CA LEU A 72 3.25 -8.91 4.26
C LEU A 72 1.87 -8.59 4.82
N LEU A 73 1.80 -8.21 6.10
CA LEU A 73 0.57 -7.78 6.71
C LEU A 73 0.01 -6.56 5.95
N LYS A 74 0.86 -5.61 5.64
CA LYS A 74 0.45 -4.42 4.89
C LYS A 74 -0.08 -4.82 3.51
N LEU A 75 0.68 -5.68 2.83
CA LEU A 75 0.33 -6.11 1.48
C LEU A 75 -1.03 -6.78 1.43
N ALA A 76 -1.27 -7.70 2.36
CA ALA A 76 -2.51 -8.51 2.38
C ALA A 76 -3.75 -7.70 2.79
N GLY A 77 -3.55 -6.59 3.49
CA GLY A 77 -4.65 -5.68 3.79
C GLY A 77 -5.08 -4.86 2.59
N ARG A 78 -4.19 -4.77 1.59
CA ARG A 78 -4.41 -3.92 0.43
C ARG A 78 -4.83 -4.69 -0.85
N TRP A 79 -4.35 -5.93 -0.99
CA TRP A 79 -4.65 -6.81 -2.13
C TRP A 79 -5.02 -8.20 -1.64
N PRO A 80 -5.82 -8.96 -2.44
CA PRO A 80 -6.22 -10.31 -2.02
C PRO A 80 -5.10 -11.31 -2.26
N VAL A 81 -4.20 -11.40 -1.29
CA VAL A 81 -3.00 -12.23 -1.38
C VAL A 81 -3.34 -13.66 -0.97
N LYS A 82 -3.27 -14.58 -1.92
CA LYS A 82 -3.53 -16.00 -1.64
C LYS A 82 -2.23 -16.73 -1.31
N THR A 83 -1.18 -16.44 -2.07
CA THR A 83 0.07 -17.17 -1.97
C THR A 83 1.24 -16.21 -2.10
N VAL A 84 2.24 -16.41 -1.24
CA VAL A 84 3.50 -15.65 -1.33
CA VAL A 84 3.49 -15.66 -1.32
C VAL A 84 4.67 -16.62 -1.45
N HIS A 85 5.42 -16.45 -2.54
N HIS A 85 5.42 -16.45 -2.54
CA HIS A 85 6.70 -17.13 -2.69
CA HIS A 85 6.70 -17.13 -2.70
C HIS A 85 7.75 -16.27 -2.00
C HIS A 85 7.75 -16.27 -2.00
N THR A 86 8.35 -16.81 -0.95
CA THR A 86 9.35 -16.07 -0.18
C THR A 86 10.66 -15.91 -0.95
N ASP A 87 11.41 -14.87 -0.58
CA ASP A 87 12.59 -14.46 -1.32
C ASP A 87 13.84 -15.28 -0.98
N ASN A 88 13.86 -15.88 0.20
CA ASN A 88 14.98 -16.70 0.65
C ASN A 88 14.56 -17.68 1.75
N GLY A 89 15.47 -18.57 2.13
CA GLY A 89 15.17 -19.60 3.10
C GLY A 89 14.98 -19.10 4.52
N SER A 90 15.62 -17.99 4.86
CA SER A 90 15.48 -17.40 6.18
C SER A 90 14.06 -16.89 6.40
N ASN A 91 13.51 -16.20 5.40
CA ASN A 91 12.11 -15.77 5.47
C ASN A 91 11.11 -16.91 5.32
N PHE A 92 11.48 -17.96 4.61
CA PHE A 92 10.64 -19.17 4.56
C PHE A 92 10.58 -19.82 5.94
N THR A 93 11.72 -19.84 6.63
CA THR A 93 11.84 -20.49 7.93
C THR A 93 11.23 -19.66 9.07
N SER A 94 11.37 -18.34 8.98
CA SER A 94 11.00 -17.41 10.05
C SER A 94 9.62 -17.69 10.65
N THR A 95 9.58 -17.91 11.97
N THR A 95 9.58 -17.90 11.97
CA THR A 95 8.31 -18.14 12.64
CA THR A 95 8.32 -18.12 12.66
C THR A 95 7.42 -16.88 12.60
C THR A 95 7.42 -16.88 12.59
N THR A 96 8.02 -15.70 12.65
CA THR A 96 7.26 -14.44 12.56
C THR A 96 6.63 -14.26 11.17
N VAL A 97 7.38 -14.59 10.12
CA VAL A 97 6.82 -14.59 8.77
C VAL A 97 5.69 -15.62 8.67
N LYS A 98 5.92 -16.82 9.19
CA LYS A 98 4.85 -17.84 9.21
C LYS A 98 3.61 -17.35 9.96
N ALA A 99 3.84 -16.65 11.07
CA ALA A 99 2.75 -16.09 11.87
C ALA A 99 1.97 -15.02 11.12
N ALA A 100 2.66 -14.15 10.39
CA ALA A 100 1.99 -13.14 9.56
C ALA A 100 1.17 -13.81 8.44
N CYS A 101 1.71 -14.87 7.86
CA CYS A 101 1.00 -15.60 6.80
C CYS A 101 -0.25 -16.29 7.36
N TRP A 102 -0.12 -16.91 8.53
CA TRP A 102 -1.28 -17.46 9.22
C TRP A 102 -2.31 -16.35 9.49
N TRP A 103 -1.86 -15.24 10.07
CA TRP A 103 -2.78 -14.16 10.46
C TRP A 103 -3.59 -13.67 9.25
N ALA A 104 -2.88 -13.43 8.15
CA ALA A 104 -3.48 -12.83 6.96
C ALA A 104 -4.09 -13.83 5.97
N GLY A 105 -4.07 -15.13 6.27
CA GLY A 105 -4.66 -16.14 5.40
C GLY A 105 -3.87 -16.37 4.12
N ILE A 106 -2.55 -16.26 4.21
CA ILE A 106 -1.65 -16.42 3.09
C ILE A 106 -0.97 -17.79 3.13
N LYS A 107 -0.95 -18.48 2.00
CA LYS A 107 -0.18 -19.71 1.86
CA LYS A 107 -0.17 -19.70 1.84
C LYS A 107 1.29 -19.33 1.59
N GLN A 108 2.16 -19.67 2.53
CA GLN A 108 3.57 -19.37 2.43
C GLN A 108 4.29 -20.49 1.69
N GLU A 109 4.99 -20.13 0.62
CA GLU A 109 5.70 -21.09 -0.20
C GLU A 109 7.15 -20.67 -0.40
N ASP A 110 7.96 -21.60 -0.89
CA ASP A 110 9.34 -21.27 -1.23
C ASP A 110 9.39 -20.47 -2.53
N GLY A 111 10.59 -20.05 -2.93
CA GLY A 111 10.77 -19.24 -4.13
C GLY A 111 11.72 -19.89 -5.11
N ILE A 112 11.81 -21.22 -5.05
CA ILE A 112 12.73 -21.97 -5.90
C ILE A 112 12.27 -21.78 -7.35
N PRO A 113 13.18 -21.32 -8.23
CA PRO A 113 12.80 -21.07 -9.63
C PRO A 113 12.78 -22.35 -10.45
N TYR A 114 11.74 -23.16 -10.25
CA TYR A 114 11.54 -24.39 -11.03
C TYR A 114 11.48 -24.06 -12.52
N ASN A 115 10.93 -22.89 -12.83
CA ASN A 115 11.11 -22.27 -14.13
C ASN A 115 12.30 -21.32 -14.05
N PRO A 116 13.40 -21.63 -14.78
CA PRO A 116 14.62 -20.84 -14.67
C PRO A 116 14.46 -19.38 -15.12
N GLN A 117 13.49 -19.09 -15.98
CA GLN A 117 13.25 -17.72 -16.42
C GLN A 117 12.80 -16.80 -15.27
N SER A 118 12.35 -17.37 -14.16
CA SER A 118 11.98 -16.58 -12.98
C SER A 118 13.14 -15.77 -12.40
N GLN A 119 14.32 -16.39 -12.31
CA GLN A 119 15.53 -15.67 -11.86
C GLN A 119 15.77 -14.43 -12.69
N GLY A 120 15.80 -14.63 -14.00
CA GLY A 120 16.10 -13.56 -14.95
C GLY A 120 15.13 -12.40 -14.85
N VAL A 121 13.84 -12.73 -14.71
CA VAL A 121 12.79 -11.71 -14.61
C VAL A 121 12.99 -10.84 -13.37
N ILE A 122 13.26 -11.47 -12.23
N ILE A 122 13.25 -11.47 -12.23
CA ILE A 122 13.50 -10.74 -10.98
CA ILE A 122 13.50 -10.74 -10.98
C ILE A 122 14.77 -9.90 -11.07
C ILE A 122 14.77 -9.91 -11.06
N GLU A 123 15.83 -10.50 -11.63
CA GLU A 123 17.10 -9.81 -11.84
C GLU A 123 16.91 -8.57 -12.71
N SER A 124 16.18 -8.73 -13.81
CA SER A 124 15.87 -7.60 -14.70
C SER A 124 15.04 -6.53 -13.99
N MET A 125 14.07 -6.95 -13.18
CA MET A 125 13.25 -6.00 -12.43
C MET A 125 14.07 -5.18 -11.45
N ASN A 126 15.00 -5.83 -10.75
CA ASN A 126 15.85 -5.11 -9.81
C ASN A 126 16.74 -4.07 -10.50
N LYS A 127 17.28 -4.45 -11.66
CA LYS A 127 18.10 -3.54 -12.46
C LYS A 127 17.27 -2.34 -12.92
N GLU A 128 16.07 -2.62 -13.43
CA GLU A 128 15.13 -1.57 -13.87
C GLU A 128 14.76 -0.64 -12.72
N LEU A 129 14.45 -1.20 -11.56
N LEU A 129 14.45 -1.21 -11.57
CA LEU A 129 14.10 -0.40 -10.39
CA LEU A 129 14.08 -0.42 -10.39
C LEU A 129 15.22 0.53 -9.99
C LEU A 129 15.22 0.52 -9.97
N LYS A 130 16.44 0.00 -9.93
CA LYS A 130 17.61 0.81 -9.60
C LYS A 130 17.89 1.90 -10.61
N LYS A 131 17.66 1.61 -11.90
CA LYS A 131 17.79 2.62 -12.95
C LYS A 131 16.80 3.76 -12.71
N ILE A 132 15.55 3.42 -12.41
CA ILE A 132 14.53 4.45 -12.14
C ILE A 132 14.92 5.24 -10.89
N ILE A 133 15.33 4.55 -9.83
CA ILE A 133 15.77 5.22 -8.61
C ILE A 133 16.87 6.24 -8.92
N GLY A 134 17.84 5.86 -9.77
CA GLY A 134 18.88 6.78 -10.22
C GLY A 134 18.33 8.00 -10.94
N GLN A 135 17.30 7.79 -11.76
CA GLN A 135 16.68 8.87 -12.51
C GLN A 135 15.92 9.88 -11.64
N VAL A 136 15.46 9.46 -10.46
CA VAL A 136 14.74 10.36 -9.55
C VAL A 136 15.55 10.74 -8.31
N ARG A 137 16.76 10.19 -8.16
CA ARG A 137 17.43 10.22 -6.86
C ARG A 137 17.63 11.64 -6.31
N ASP A 138 17.89 12.61 -7.18
CA ASP A 138 18.09 13.99 -6.75
C ASP A 138 16.81 14.78 -6.46
N GLN A 139 15.66 14.12 -6.60
CA GLN A 139 14.36 14.76 -6.29
C GLN A 139 13.92 14.51 -4.85
N ALA A 140 14.80 13.93 -4.04
CA ALA A 140 14.52 13.69 -2.63
C ALA A 140 15.83 13.45 -1.89
N GLU A 141 15.84 13.81 -0.60
CA GLU A 141 16.98 13.54 0.26
C GLU A 141 17.05 12.07 0.62
N HIS A 142 15.90 11.49 0.96
CA HIS A 142 15.85 10.15 1.55
C HIS A 142 15.55 9.06 0.52
N LEU A 143 16.24 7.93 0.63
CA LEU A 143 16.07 6.84 -0.33
C LEU A 143 14.62 6.35 -0.40
N LYS A 144 13.95 6.26 0.75
CA LYS A 144 12.56 5.78 0.80
C LYS A 144 11.65 6.56 -0.16
N THR A 145 11.86 7.87 -0.23
CA THR A 145 11.10 8.75 -1.11
C THR A 145 11.35 8.41 -2.58
N ALA A 146 12.62 8.27 -2.94
CA ALA A 146 13.02 7.88 -4.28
C ALA A 146 12.47 6.51 -4.66
N VAL A 147 12.46 5.57 -3.71
CA VAL A 147 11.89 4.24 -3.98
C VAL A 147 10.39 4.33 -4.26
N GLN A 148 9.66 5.17 -3.54
CA GLN A 148 8.22 5.30 -3.81
C GLN A 148 7.93 6.00 -5.15
N MET A 149 8.78 6.94 -5.56
CA MET A 149 8.69 7.50 -6.90
C MET A 149 8.93 6.41 -7.95
N ALA A 150 9.91 5.55 -7.69
CA ALA A 150 10.20 4.44 -8.60
C ALA A 150 9.05 3.44 -8.71
N VAL A 151 8.42 3.12 -7.58
CA VAL A 151 7.22 2.26 -7.57
C VAL A 151 6.12 2.88 -8.45
N PHE A 152 5.88 4.18 -8.25
CA PHE A 152 4.90 4.91 -9.04
C PHE A 152 5.20 4.77 -10.53
N ILE A 153 6.41 5.11 -10.94
CA ILE A 153 6.78 5.07 -12.36
C ILE A 153 6.67 3.65 -12.93
N HIS A 154 7.16 2.66 -12.19
CA HIS A 154 7.05 1.28 -12.64
C HIS A 154 5.59 0.85 -12.87
N ASN A 155 4.73 1.15 -11.90
CA ASN A 155 3.34 0.69 -11.97
C ASN A 155 2.50 1.43 -13.02
N HIS A 156 2.92 2.64 -13.39
CA HIS A 156 2.20 3.45 -14.39
C HIS A 156 2.71 3.27 -15.83
N LYS A 157 3.89 2.67 -16.01
CA LYS A 157 4.52 2.56 -17.33
C LYS A 157 3.72 1.65 -18.26
N ARG A 158 3.44 2.13 -19.47
CA ARG A 158 2.67 1.35 -20.45
C ARG A 158 3.56 0.49 -21.32
N GLY A 164 -1.67 -0.95 -25.07
CA GLY A 164 -0.56 -0.84 -24.12
C GLY A 164 -1.03 -0.54 -22.71
N TYR A 165 -1.17 -1.60 -21.91
CA TYR A 165 -1.61 -1.48 -20.52
C TYR A 165 -0.44 -1.25 -19.56
N SER A 166 -0.74 -0.70 -18.39
CA SER A 166 0.24 -0.59 -17.31
C SER A 166 0.07 -1.77 -16.35
N ALA A 167 1.07 -1.99 -15.50
CA ALA A 167 0.99 -3.03 -14.48
C ALA A 167 -0.19 -2.77 -13.54
N GLY A 168 -0.42 -1.51 -13.20
CA GLY A 168 -1.53 -1.13 -12.33
C GLY A 168 -2.89 -1.44 -12.94
N GLU A 169 -3.01 -1.21 -14.24
CA GLU A 169 -4.22 -1.57 -14.95
C GLU A 169 -4.40 -3.09 -15.01
N ARG A 170 -3.30 -3.80 -15.25
CA ARG A 170 -3.32 -5.27 -15.37
C ARG A 170 -3.77 -5.95 -14.08
N ILE A 171 -3.23 -5.51 -12.94
CA ILE A 171 -3.57 -6.18 -11.68
C ILE A 171 -5.06 -6.02 -11.34
N VAL A 172 -5.60 -4.82 -11.55
CA VAL A 172 -7.01 -4.55 -11.29
C VAL A 172 -7.91 -5.38 -12.20
N ASP A 173 -7.56 -5.42 -13.49
CA ASP A 173 -8.31 -6.22 -14.47
C ASP A 173 -8.29 -7.71 -14.14
N ILE A 174 -7.13 -8.23 -13.75
CA ILE A 174 -6.97 -9.64 -13.41
C ILE A 174 -7.82 -10.00 -12.19
N ILE A 175 -7.74 -9.18 -11.16
CA ILE A 175 -8.46 -9.44 -9.92
C ILE A 175 -9.97 -9.26 -10.11
N ALA A 176 -10.36 -8.22 -10.84
CA ALA A 176 -11.78 -7.97 -11.11
C ALA A 176 -12.43 -9.12 -11.87
N THR A 177 -11.72 -9.65 -12.87
CA THR A 177 -12.21 -10.78 -13.65
C THR A 177 -12.42 -12.00 -12.75
N ASP A 178 -11.50 -12.19 -11.79
CA ASP A 178 -11.57 -13.29 -10.84
C ASP A 178 -12.77 -13.16 -9.90
N ILE A 179 -13.05 -11.94 -9.44
CA ILE A 179 -14.19 -11.68 -8.57
C ILE A 179 -15.52 -12.01 -9.27
N GLN A 180 -15.61 -11.73 -10.57
CA GLN A 180 -16.86 -11.89 -11.32
C GLN A 180 -17.00 -13.26 -11.98
N SER B 28 -15.22 9.77 -9.96
CA SER B 28 -15.50 8.95 -8.72
C SER B 28 -14.63 7.71 -8.52
N PRO B 29 -14.25 6.97 -9.58
CA PRO B 29 -13.26 5.91 -9.32
C PRO B 29 -11.93 6.44 -8.76
N GLY B 30 -11.57 7.68 -9.09
CA GLY B 30 -10.27 8.24 -8.68
C GLY B 30 -10.28 9.19 -7.47
N ILE B 31 -11.39 9.27 -6.75
N ILE B 31 -11.39 9.24 -6.74
CA ILE B 31 -11.55 10.22 -5.65
CA ILE B 31 -11.54 10.22 -5.66
C ILE B 31 -11.24 9.61 -4.29
C ILE B 31 -11.25 9.62 -4.29
N TRP B 32 -10.31 10.23 -3.57
CA TRP B 32 -9.93 9.78 -2.23
C TRP B 32 -10.06 10.93 -1.23
N GLN B 33 -10.23 10.57 0.04
CA GLN B 33 -10.34 11.53 1.14
CA GLN B 33 -10.32 11.54 1.13
C GLN B 33 -9.32 11.20 2.22
N LEU B 34 -8.57 12.20 2.65
CA LEU B 34 -7.62 12.04 3.74
C LEU B 34 -8.34 12.22 5.07
N ASP B 35 -7.83 11.56 6.09
CA ASP B 35 -8.45 11.56 7.42
C ASP B 35 -7.34 11.33 8.45
N CYS B 36 -7.37 12.10 9.52
CA CYS B 36 -6.36 12.02 10.56
C CYS B 36 -7.09 11.78 11.87
N THR B 37 -6.69 10.72 12.59
CA THR B 37 -7.24 10.45 13.92
C THR B 37 -6.08 10.14 14.88
N HIS B 38 -6.37 10.14 16.18
CA HIS B 38 -5.34 10.03 17.21
C HIS B 38 -5.58 8.85 18.15
N LEU B 39 -4.49 8.18 18.51
CA LEU B 39 -4.52 7.07 19.46
C LEU B 39 -3.14 6.88 20.07
N GLU B 40 -3.09 6.64 21.39
CA GLU B 40 -1.84 6.36 22.11
C GLU B 40 -0.77 7.45 21.96
N GLY B 41 -1.22 8.70 21.85
CA GLY B 41 -0.31 9.83 21.69
C GLY B 41 0.33 9.90 20.33
N LYS B 42 -0.23 9.15 19.37
CA LYS B 42 0.28 9.11 18.01
C LYS B 42 -0.84 9.45 17.05
N VAL B 43 -0.47 9.63 15.79
CA VAL B 43 -1.39 9.99 14.74
C VAL B 43 -1.56 8.80 13.78
N ILE B 44 -2.81 8.51 13.44
CA ILE B 44 -3.12 7.53 12.41
C ILE B 44 -3.62 8.32 11.20
N LEU B 45 -2.86 8.27 10.12
CA LEU B 45 -3.24 8.92 8.88
C LEU B 45 -3.93 7.89 7.97
N VAL B 46 -5.12 8.25 7.48
CA VAL B 46 -5.97 7.34 6.69
C VAL B 46 -6.33 8.01 5.36
N ALA B 47 -6.27 7.22 4.28
CA ALA B 47 -6.86 7.62 3.00
C ALA B 47 -8.02 6.68 2.71
N VAL B 48 -9.17 7.26 2.42
N VAL B 48 -9.19 7.24 2.44
CA VAL B 48 -10.37 6.50 2.10
CA VAL B 48 -10.34 6.41 2.11
C VAL B 48 -10.75 6.68 0.64
C VAL B 48 -10.81 6.66 0.69
N HIS B 49 -10.98 5.58 -0.06
CA HIS B 49 -11.51 5.61 -1.41
C HIS B 49 -13.02 5.80 -1.25
N VAL B 50 -13.50 6.98 -1.61
N VAL B 50 -13.51 6.99 -1.61
CA VAL B 50 -14.85 7.43 -1.25
CA VAL B 50 -14.85 7.42 -1.21
C VAL B 50 -15.96 6.49 -1.74
C VAL B 50 -15.97 6.53 -1.74
N ALA B 51 -15.86 6.07 -2.99
CA ALA B 51 -16.90 5.23 -3.61
C ALA B 51 -17.01 3.81 -3.04
N SER B 52 -15.92 3.26 -2.51
CA SER B 52 -15.90 1.88 -1.98
C SER B 52 -15.79 1.76 -0.47
N GLY B 53 -15.23 2.77 0.19
CA GLY B 53 -14.92 2.69 1.62
C GLY B 53 -13.61 1.96 1.92
N TYR B 54 -12.86 1.59 0.88
CA TYR B 54 -11.54 0.97 1.05
C TYR B 54 -10.58 1.97 1.66
N ILE B 55 -9.70 1.50 2.54
CA ILE B 55 -8.74 2.37 3.23
C ILE B 55 -7.28 1.90 3.14
N GLU B 56 -6.37 2.87 3.23
CA GLU B 56 -4.96 2.65 3.49
C GLU B 56 -4.65 3.51 4.72
N ALA B 57 -3.72 3.08 5.56
CA ALA B 57 -3.38 3.85 6.75
C ALA B 57 -1.97 3.63 7.21
N GLU B 58 -1.45 4.60 7.97
CA GLU B 58 -0.13 4.51 8.57
CA GLU B 58 -0.13 4.51 8.56
C GLU B 58 -0.11 5.22 9.91
N VAL B 59 0.85 4.88 10.75
CA VAL B 59 1.05 5.54 12.03
C VAL B 59 2.28 6.45 11.94
N ILE B 60 2.13 7.70 12.38
CA ILE B 60 3.23 8.66 12.44
C ILE B 60 3.20 9.40 13.78
N PRO B 61 4.35 9.96 14.22
CA PRO B 61 4.35 10.62 15.54
C PRO B 61 3.48 11.88 15.57
N ALA B 62 3.40 12.57 14.45
CA ALA B 62 2.60 13.78 14.33
C ALA B 62 2.32 14.05 12.86
N GLU B 63 1.20 14.72 12.57
N GLU B 63 1.20 14.70 12.58
CA GLU B 63 0.86 15.02 11.18
CA GLU B 63 0.87 15.05 11.21
C GLU B 63 1.60 16.26 10.68
C GLU B 63 1.73 16.24 10.80
N THR B 64 2.53 16.06 9.77
CA THR B 64 3.28 17.14 9.14
C THR B 64 2.97 17.11 7.65
N GLY B 65 3.22 18.22 6.98
CA GLY B 65 3.11 18.29 5.52
C GLY B 65 3.99 17.26 4.83
N GLN B 66 5.24 17.13 5.29
CA GLN B 66 6.17 16.17 4.71
C GLN B 66 5.67 14.73 4.81
N GLU B 67 5.22 14.32 5.99
CA GLU B 67 4.69 12.96 6.17
C GLU B 67 3.41 12.75 5.35
N THR B 68 2.54 13.76 5.28
CA THR B 68 1.34 13.65 4.46
C THR B 68 1.69 13.49 2.98
N ALA B 69 2.68 14.27 2.53
CA ALA B 69 3.18 14.20 1.16
C ALA B 69 3.70 12.82 0.80
N TYR B 70 4.50 12.25 1.70
CA TYR B 70 5.05 10.91 1.51
C TYR B 70 3.94 9.85 1.45
N PHE B 71 2.95 9.99 2.33
CA PHE B 71 1.80 9.08 2.35
C PHE B 71 1.04 9.10 1.03
N LEU B 72 0.85 10.31 0.46
CA LEU B 72 0.18 10.46 -0.82
C LEU B 72 0.98 9.87 -2.01
N LEU B 73 2.30 10.05 -1.97
CA LEU B 73 3.18 9.45 -2.97
C LEU B 73 3.02 7.92 -2.97
N LYS B 74 3.00 7.32 -1.78
CA LYS B 74 2.79 5.88 -1.66
C LYS B 74 1.44 5.46 -2.23
N LEU B 75 0.40 6.20 -1.84
CA LEU B 75 -0.96 5.89 -2.25
C LEU B 75 -1.09 5.91 -3.78
N ALA B 76 -0.56 6.96 -4.40
CA ALA B 76 -0.72 7.16 -5.86
C ALA B 76 0.11 6.19 -6.70
N GLY B 77 1.15 5.61 -6.11
CA GLY B 77 1.89 4.55 -6.77
C GLY B 77 1.15 3.23 -6.78
N ARG B 78 0.17 3.09 -5.89
CA ARG B 78 -0.55 1.84 -5.69
C ARG B 78 -1.96 1.82 -6.32
N TRP B 79 -2.62 2.99 -6.36
CA TRP B 79 -3.96 3.14 -6.94
C TRP B 79 -4.00 4.36 -7.86
N PRO B 80 -4.92 4.37 -8.84
CA PRO B 80 -5.01 5.51 -9.77
C PRO B 80 -5.75 6.68 -9.13
N VAL B 81 -4.99 7.48 -8.38
CA VAL B 81 -5.53 8.60 -7.61
C VAL B 81 -5.66 9.84 -8.51
N LYS B 82 -6.90 10.25 -8.77
CA LYS B 82 -7.16 11.45 -9.57
C LYS B 82 -7.29 12.68 -8.69
N THR B 83 -8.00 12.53 -7.58
CA THR B 83 -8.32 13.67 -6.71
C THR B 83 -8.21 13.26 -5.26
N VAL B 84 -7.62 14.15 -4.46
CA VAL B 84 -7.55 13.97 -3.01
CA VAL B 84 -7.57 13.96 -3.01
C VAL B 84 -8.17 15.16 -2.30
N HIS B 85 -9.18 14.89 -1.49
CA HIS B 85 -9.74 15.88 -0.58
C HIS B 85 -8.90 15.84 0.68
N THR B 86 -8.20 16.94 0.97
CA THR B 86 -7.33 17.00 2.14
C THR B 86 -8.13 17.04 3.44
N ASP B 87 -7.48 16.62 4.52
CA ASP B 87 -8.15 16.43 5.81
C ASP B 87 -8.29 17.72 6.61
N ASN B 88 -7.44 18.70 6.33
CA ASN B 88 -7.48 20.00 7.02
C ASN B 88 -6.80 21.09 6.19
N GLY B 89 -6.89 22.33 6.65
CA GLY B 89 -6.35 23.47 5.93
C GLY B 89 -4.84 23.53 5.87
N SER B 90 -4.18 22.99 6.89
CA SER B 90 -2.72 22.97 6.93
C SER B 90 -2.17 22.08 5.81
N ASN B 91 -2.75 20.90 5.63
CA ASN B 91 -2.36 20.03 4.52
C ASN B 91 -2.82 20.54 3.14
N PHE B 92 -3.92 21.28 3.11
CA PHE B 92 -4.32 21.95 1.87
C PHE B 92 -3.30 23.01 1.49
N THR B 93 -2.81 23.74 2.48
CA THR B 93 -1.87 24.84 2.26
C THR B 93 -0.44 24.38 1.99
N SER B 94 -0.04 23.29 2.65
CA SER B 94 1.34 22.80 2.63
C SER B 94 1.95 22.75 1.23
N THR B 95 3.07 23.43 1.03
N THR B 95 3.07 23.45 1.04
CA THR B 95 3.76 23.39 -0.25
CA THR B 95 3.79 23.41 -0.23
C THR B 95 4.29 22.00 -0.57
C THR B 95 4.27 21.99 -0.57
N THR B 96 4.72 21.25 0.45
CA THR B 96 5.21 19.88 0.24
C THR B 96 4.07 18.94 -0.19
N VAL B 97 2.89 19.10 0.41
CA VAL B 97 1.72 18.33 -0.03
C VAL B 97 1.36 18.72 -1.47
N LYS B 98 1.36 20.03 -1.77
CA LYS B 98 1.12 20.48 -3.15
C LYS B 98 2.15 19.89 -4.13
N ALA B 99 3.40 19.83 -3.69
CA ALA B 99 4.47 19.26 -4.51
C ALA B 99 4.28 17.77 -4.77
N ALA B 100 3.86 17.02 -3.75
CA ALA B 100 3.57 15.60 -3.94
C ALA B 100 2.39 15.39 -4.90
N CYS B 101 1.38 16.25 -4.78
CA CYS B 101 0.21 16.17 -5.67
C CYS B 101 0.62 16.49 -7.11
N TRP B 102 1.43 17.53 -7.29
CA TRP B 102 1.99 17.81 -8.61
C TRP B 102 2.78 16.61 -9.13
N TRP B 103 3.68 16.08 -8.32
CA TRP B 103 4.55 14.99 -8.75
C TRP B 103 3.74 13.80 -9.24
N ALA B 104 2.73 13.42 -8.45
CA ALA B 104 1.94 12.22 -8.70
C ALA B 104 0.72 12.43 -9.61
N GLY B 105 0.50 13.65 -10.11
CA GLY B 105 -0.61 13.91 -11.01
C GLY B 105 -1.97 13.89 -10.32
N ILE B 106 -2.00 14.35 -9.06
CA ILE B 106 -3.19 14.39 -8.25
C ILE B 106 -3.75 15.80 -8.18
N LYS B 107 -5.06 15.93 -8.36
CA LYS B 107 -5.76 17.19 -8.12
CA LYS B 107 -5.75 17.19 -8.13
C LYS B 107 -6.01 17.34 -6.62
N GLN B 108 -5.38 18.33 -6.02
CA GLN B 108 -5.52 18.58 -4.59
C GLN B 108 -6.72 19.49 -4.35
N GLU B 109 -7.64 19.03 -3.51
CA GLU B 109 -8.85 19.79 -3.20
C GLU B 109 -9.04 19.91 -1.70
N ASP B 110 -9.93 20.80 -1.29
CA ASP B 110 -10.28 20.93 0.11
C ASP B 110 -11.17 19.76 0.54
N GLY B 111 -11.52 19.71 1.83
CA GLY B 111 -12.33 18.62 2.37
C GLY B 111 -13.59 19.14 3.03
N ILE B 112 -14.03 20.30 2.60
CA ILE B 112 -15.21 20.95 3.18
C ILE B 112 -16.42 20.05 2.91
N PRO B 113 -17.16 19.66 3.97
CA PRO B 113 -18.29 18.76 3.77
C PRO B 113 -19.54 19.50 3.29
N TYR B 114 -19.54 19.85 2.00
CA TYR B 114 -20.70 20.50 1.38
C TYR B 114 -21.93 19.61 1.52
N ASN B 115 -21.71 18.30 1.50
CA ASN B 115 -22.69 17.33 1.96
C ASN B 115 -22.40 17.02 3.43
N PRO B 116 -23.31 17.41 4.34
CA PRO B 116 -23.03 17.25 5.78
C PRO B 116 -22.87 15.80 6.23
N GLN B 117 -23.44 14.85 5.49
CA GLN B 117 -23.29 13.43 5.84
C GLN B 117 -21.85 12.95 5.74
N SER B 118 -20.98 13.69 5.04
CA SER B 118 -19.56 13.37 4.95
C SER B 118 -18.86 13.36 6.32
N GLN B 119 -19.15 14.36 7.15
CA GLN B 119 -18.61 14.40 8.52
C GLN B 119 -18.92 13.12 9.28
N GLY B 120 -20.21 12.78 9.30
CA GLY B 120 -20.71 11.63 10.02
C GLY B 120 -20.06 10.33 9.59
N VAL B 121 -19.90 10.16 8.28
CA VAL B 121 -19.30 8.95 7.71
C VAL B 121 -17.85 8.79 8.18
N ILE B 122 -17.07 9.87 8.13
N ILE B 122 -17.07 9.87 8.12
CA ILE B 122 -15.68 9.84 8.58
CA ILE B 122 -15.67 9.82 8.57
C ILE B 122 -15.59 9.60 10.08
C ILE B 122 -15.57 9.62 10.08
N GLU B 123 -16.46 10.28 10.84
CA GLU B 123 -16.56 10.08 12.29
C GLU B 123 -16.83 8.63 12.64
N SER B 124 -17.82 8.06 11.95
CA SER B 124 -18.17 6.65 12.15
C SER B 124 -17.02 5.72 11.79
N MET B 125 -16.32 6.03 10.70
CA MET B 125 -15.18 5.22 10.29
C MET B 125 -14.06 5.23 11.33
N ASN B 126 -13.76 6.39 11.89
CA ASN B 126 -12.73 6.50 12.91
C ASN B 126 -13.09 5.70 14.16
N LYS B 127 -14.36 5.77 14.57
CA LYS B 127 -14.83 4.99 15.72
CA LYS B 127 -14.85 4.99 15.72
C LYS B 127 -14.70 3.50 15.44
N GLU B 128 -15.13 3.06 14.27
CA GLU B 128 -15.03 1.66 13.85
C GLU B 128 -13.58 1.19 13.83
N LEU B 129 -12.70 2.01 13.26
N LEU B 129 -12.70 2.01 13.26
CA LEU B 129 -11.27 1.68 13.19
CA LEU B 129 -11.28 1.68 13.17
C LEU B 129 -10.67 1.49 14.58
C LEU B 129 -10.67 1.50 14.57
N LYS B 130 -10.97 2.41 15.48
CA LYS B 130 -10.48 2.33 16.85
C LYS B 130 -11.04 1.11 17.59
N LYS B 131 -12.29 0.76 17.33
CA LYS B 131 -12.89 -0.45 17.90
C LYS B 131 -12.13 -1.69 17.43
N ILE B 132 -11.83 -1.76 16.14
CA ILE B 132 -11.07 -2.90 15.60
C ILE B 132 -9.67 -2.91 16.20
N ILE B 133 -9.01 -1.76 16.25
CA ILE B 133 -7.68 -1.68 16.86
C ILE B 133 -7.71 -2.23 18.29
N GLY B 134 -8.74 -1.88 19.06
CA GLY B 134 -8.92 -2.42 20.41
C GLY B 134 -9.05 -3.94 20.42
N GLN B 135 -9.76 -4.48 19.44
CA GLN B 135 -9.97 -5.92 19.34
C GLN B 135 -8.70 -6.71 19.00
N VAL B 136 -7.73 -6.07 18.35
CA VAL B 136 -6.46 -6.73 18.00
C VAL B 136 -5.28 -6.25 18.84
N ARG B 137 -5.49 -5.26 19.72
CA ARG B 137 -4.35 -4.53 20.28
C ARG B 137 -3.33 -5.40 20.99
N ASP B 138 -3.79 -6.47 21.66
CA ASP B 138 -2.90 -7.37 22.39
C ASP B 138 -2.18 -8.40 21.50
N GLN B 139 -2.42 -8.35 20.19
CA GLN B 139 -1.75 -9.26 19.24
C GLN B 139 -0.47 -8.65 18.67
N ALA B 140 -0.05 -7.51 19.22
CA ALA B 140 1.18 -6.86 18.79
C ALA B 140 1.62 -5.87 19.86
N GLU B 141 2.92 -5.64 19.93
CA GLU B 141 3.48 -4.65 20.84
C GLU B 141 3.23 -3.25 20.30
N HIS B 142 3.47 -3.07 19.00
CA HIS B 142 3.50 -1.73 18.40
C HIS B 142 2.17 -1.36 17.75
N LEU B 143 1.77 -0.10 17.92
CA LEU B 143 0.50 0.38 17.37
C LEU B 143 0.41 0.20 15.85
N LYS B 144 1.51 0.46 15.15
CA LYS B 144 1.53 0.35 13.68
C LYS B 144 1.06 -1.02 13.21
N THR B 145 1.47 -2.07 13.93
CA THR B 145 1.09 -3.44 13.61
C THR B 145 -0.43 -3.64 13.79
N ALA B 146 -0.95 -3.18 14.92
CA ALA B 146 -2.38 -3.23 15.19
C ALA B 146 -3.19 -2.44 14.16
N VAL B 147 -2.67 -1.29 13.73
CA VAL B 147 -3.35 -0.51 12.69
C VAL B 147 -3.41 -1.27 11.37
N GLN B 148 -2.34 -1.96 11.00
CA GLN B 148 -2.37 -2.73 9.73
C GLN B 148 -3.31 -3.95 9.81
N MET B 149 -3.41 -4.57 10.99
CA MET B 149 -4.43 -5.60 11.20
C MET B 149 -5.82 -5.01 11.03
N ALA B 150 -6.05 -3.82 11.58
CA ALA B 150 -7.33 -3.13 11.45
C ALA B 150 -7.68 -2.79 10.00
N VAL B 151 -6.69 -2.32 9.24
CA VAL B 151 -6.87 -2.05 7.81
C VAL B 151 -7.30 -3.33 7.09
N PHE B 152 -6.59 -4.42 7.36
CA PHE B 152 -6.94 -5.73 6.79
C PHE B 152 -8.39 -6.10 7.09
N ILE B 153 -8.77 -6.07 8.37
CA ILE B 153 -10.14 -6.45 8.76
C ILE B 153 -11.18 -5.55 8.12
N HIS B 154 -10.94 -4.23 8.13
CA HIS B 154 -11.88 -3.30 7.50
C HIS B 154 -12.08 -3.58 6.01
N ASN B 155 -10.99 -3.79 5.28
CA ASN B 155 -11.06 -3.97 3.84
C ASN B 155 -11.64 -5.31 3.42
N HIS B 156 -11.56 -6.32 4.29
CA HIS B 156 -12.07 -7.67 4.01
C HIS B 156 -13.51 -7.90 4.46
N LYS B 157 -14.04 -7.02 5.31
CA LYS B 157 -15.37 -7.22 5.89
C LYS B 157 -16.49 -7.13 4.85
N ARG B 158 -17.38 -8.11 4.84
CA ARG B 158 -18.48 -8.15 3.87
C ARG B 158 -19.72 -7.43 4.41
N GLY B 164 -23.10 -9.69 -0.79
CA GLY B 164 -22.32 -8.98 0.22
C GLY B 164 -20.85 -8.84 -0.15
N TYR B 165 -20.50 -7.70 -0.75
CA TYR B 165 -19.13 -7.41 -1.17
C TYR B 165 -18.30 -6.78 -0.04
N SER B 166 -16.98 -6.91 -0.15
CA SER B 166 -16.06 -6.20 0.74
C SER B 166 -15.62 -4.89 0.07
N ALA B 167 -15.04 -3.99 0.87
CA ALA B 167 -14.49 -2.75 0.33
C ALA B 167 -13.40 -3.05 -0.70
N GLY B 168 -12.57 -4.04 -0.41
CA GLY B 168 -11.51 -4.45 -1.33
C GLY B 168 -12.03 -4.94 -2.67
N GLU B 169 -13.11 -5.70 -2.63
CA GLU B 169 -13.76 -6.15 -3.86
C GLU B 169 -14.36 -4.97 -4.62
N ARG B 170 -14.99 -4.06 -3.88
CA ARG B 170 -15.67 -2.92 -4.45
C ARG B 170 -14.71 -1.97 -5.19
N ILE B 171 -13.55 -1.68 -4.59
CA ILE B 171 -12.61 -0.75 -5.23
C ILE B 171 -12.08 -1.32 -6.56
N VAL B 172 -11.73 -2.61 -6.56
CA VAL B 172 -11.21 -3.27 -7.76
C VAL B 172 -12.28 -3.27 -8.87
N ASP B 173 -13.51 -3.62 -8.51
CA ASP B 173 -14.62 -3.63 -9.47
C ASP B 173 -14.90 -2.25 -10.05
N ILE B 174 -14.88 -1.22 -9.19
CA ILE B 174 -15.13 0.15 -9.63
C ILE B 174 -14.05 0.62 -10.60
N ILE B 175 -12.79 0.38 -10.26
CA ILE B 175 -11.69 0.82 -11.09
C ILE B 175 -11.62 0.01 -12.39
N ALA B 176 -11.85 -1.29 -12.31
CA ALA B 176 -11.83 -2.15 -13.51
C ALA B 176 -12.91 -1.74 -14.51
N THR B 177 -14.09 -1.42 -14.01
CA THR B 177 -15.19 -0.97 -14.87
C THR B 177 -14.82 0.34 -15.58
N ASP B 178 -14.11 1.21 -14.86
CA ASP B 178 -13.66 2.48 -15.42
C ASP B 178 -12.60 2.29 -16.51
N ILE B 179 -11.69 1.34 -16.31
CA ILE B 179 -10.67 1.01 -17.31
C ILE B 179 -11.30 0.51 -18.62
N GLN B 180 -12.37 -0.28 -18.52
CA GLN B 180 -13.00 -0.91 -19.69
C GLN B 180 -14.03 0.00 -20.35
S SO4 C . 21.26 -6.90 -4.90
O1 SO4 C . 20.93 -7.57 -3.63
O2 SO4 C . 22.51 -7.43 -5.46
O3 SO4 C . 21.42 -5.47 -4.65
O4 SO4 C . 20.19 -7.16 -5.90
S SO4 D . 18.38 8.20 3.87
O1 SO4 D . 17.04 7.96 4.44
O2 SO4 D . 18.41 7.86 2.45
O3 SO4 D . 19.36 7.39 4.63
O4 SO4 D . 18.73 9.64 4.02
S SO4 E . 12.08 -14.55 13.45
O1 SO4 E . 10.71 -15.08 13.65
O2 SO4 E . 12.38 -14.48 12.00
O3 SO4 E . 13.04 -15.45 14.11
O4 SO4 E . 12.18 -13.20 14.04
S SO4 F . 3.36 -0.87 1.62
O1 SO4 F . 1.96 -1.27 1.91
O2 SO4 F . 3.59 0.47 2.21
O3 SO4 F . 3.60 -0.82 0.17
O4 SO4 F . 4.31 -1.84 2.21
C ACT G . -1.26 2.95 -10.69
O ACT G . -0.58 2.54 -9.72
OXT ACT G . -2.29 3.65 -10.56
CH3 ACT G . -0.86 2.54 -12.06
C ACT H . -4.13 0.08 -9.81
O ACT H . -4.86 0.24 -10.82
OXT ACT H . -4.50 -0.47 -8.75
CH3 ACT H . -2.74 0.60 -9.88
CL CL I . 19.99 -7.71 5.11
C1 L0Y J . 15.58 17.14 -2.98
C2 L0Y J . 15.93 17.14 -1.64
C3 L0Y J . 14.29 17.45 -3.36
C4 L0Y J . 14.99 17.45 -0.68
C5 L0Y J . 9.35 15.21 1.28
C6 L0Y J . 8.68 14.36 2.12
C7 L0Y J . 13.35 17.76 -2.38
C8 L0Y J . 11.38 13.94 1.51
C9 L0Y J . 13.70 17.76 -1.04
C10 L0Y J . 10.68 15.02 0.97
C11 L0Y J . 9.37 13.29 2.66
C12 L0Y J . 10.70 13.07 2.35
C13 L0Y J . 11.99 18.08 -2.80
C14 L0Y J . 12.81 13.70 1.16
C15 L0Y J . 7.44 14.34 -2.90
C16 L0Y J . 7.50 14.65 -4.39
C17 L0Y J . 7.62 15.61 -2.10
C18 L0Y J . 8.81 15.34 -4.73
C19 L0Y J . 8.95 16.27 -2.44
C20 L0Y J . 9.49 11.74 4.33
C21 L0Y J . 10.49 11.04 3.44
C22 L0Y J . 8.99 16.61 -3.92
C23 L0Y J . 11.69 17.42 2.10
C24 L0Y J . 12.71 18.09 0.02
C25 L0Y J . 11.33 16.00 0.06
C26 L0Y J . 10.21 17.39 -4.35
N27 L0Y J . 11.41 17.12 -3.60
N28 L0Y J . 12.24 16.93 0.81
O29 L0Y J . 13.14 12.51 0.94
O30 L0Y J . 11.44 19.11 -2.43
O31 L0Y J . 13.58 14.69 1.01
O32 L0Y J . 8.62 12.48 3.49
O33 L0Y J . 11.40 12.01 2.91
S SO4 K . -9.57 12.05 16.91
O1 SO4 K . -10.46 12.73 17.86
O2 SO4 K . -8.77 11.04 17.63
O3 SO4 K . -8.64 13.02 16.29
O4 SO4 K . -10.40 11.43 15.86
S SO4 L . 4.64 1.76 19.82
O1 SO4 L . 4.90 3.12 20.34
O2 SO4 L . 5.24 0.78 20.73
O3 SO4 L . 5.24 1.64 18.47
O4 SO4 L . 3.19 1.51 19.74
S SO4 M . 5.48 22.15 4.58
O1 SO4 M . 4.16 21.60 4.97
O2 SO4 M . 5.60 23.53 5.06
O3 SO4 M . 5.61 22.17 3.11
O4 SO4 M . 6.55 21.33 5.17
S SO4 N . 0.81 2.71 2.56
O1 SO4 N . -0.53 2.18 2.87
O2 SO4 N . 0.86 4.10 3.04
O3 SO4 N . 1.07 2.65 1.10
O4 SO4 N . 1.84 1.90 3.25
C ACT O . -8.50 -7.11 0.47
O ACT O . -8.16 -8.02 -0.30
OXT ACT O . -7.78 -6.13 0.75
CH3 ACT O . -9.86 -7.16 1.10
C ACT P . -8.42 -5.51 -3.43
O ACT P . -9.19 -6.30 -4.01
OXT ACT P . -7.59 -4.77 -4.02
CH3 ACT P . -8.46 -5.45 -1.96
CL CL Q . -0.42 16.18 14.95
C1 L0Y R . 2.07 -9.49 21.14
C2 L0Y R . 3.26 -8.84 21.40
C3 L0Y R . 1.98 -10.39 20.09
C4 L0Y R . 4.36 -9.08 20.60
C5 L0Y R . 5.94 -8.57 14.44
C6 L0Y R . 6.47 -7.78 13.45
C7 L0Y R . 3.09 -10.62 19.29
C8 L0Y R . 5.43 -6.65 15.79
C9 L0Y R . 4.28 -9.97 19.55
C10 L0Y R . 5.42 -8.02 15.60
C11 L0Y R . 6.47 -6.41 13.63
C12 L0Y R . 5.96 -5.84 14.79
C13 L0Y R . 2.97 -11.57 18.18
C14 L0Y R . 4.86 -6.04 17.03
C15 L0Y R . 2.00 -10.22 12.55
C16 L0Y R . 0.79 -11.11 12.76
C17 L0Y R . 3.22 -10.82 13.21
C18 L0Y R . 0.55 -11.31 14.25
C19 L0Y R . 2.97 -11.06 14.69
C20 L0Y R . 7.44 -4.41 13.08
C21 L0Y R . 6.25 -3.78 13.77
C22 L0Y R . 1.75 -11.94 14.91
C23 L0Y R . 7.27 -9.19 17.44
C24 L0Y R . 5.49 -10.21 18.71
C25 L0Y R . 4.89 -8.97 16.61
C26 L0Y R . 1.47 -12.26 16.37
N27 L0Y R . 1.95 -11.27 17.31
N28 L0Y R . 5.82 -9.09 17.78
O29 L0Y R . 4.14 -5.00 16.88
O30 L0Y R . 3.75 -12.50 18.05
O31 L0Y R . 5.04 -6.62 18.14
O32 L0Y R . 7.02 -5.68 12.60
O33 L0Y R . 5.97 -4.47 14.99
#